data_3PEC
#
_entry.id   3PEC
#
_cell.length_a   114.200
_cell.length_b   114.200
_cell.length_c   119.300
_cell.angle_alpha   90.00
_cell.angle_beta   90.00
_cell.angle_gamma   90.00
#
_symmetry.space_group_name_H-M   'P 41 21 2'
#
loop_
_entity.id
_entity.type
_entity.pdbx_description
1 polymer 'Neutrophil gelatinase-associated lipocalin'
2 non-polymer GLYCEROL
3 non-polymer 'SULFATE ION'
4 non-polymer 'FE (III) ION'
5 non-polymer 'SODIUM ION'
6 non-polymer '9-{hydroxy[(5S,6R)-6-hydroxy-6-{[(1S)-3-{[(3S)-1-hydroxy-2-oxoazepan-3-yl]amino}-1-methyl-3-oxopropyl]oxy}-5-({[(4S)-2-(2-hydroxyphenyl)-4,5-dihydro-1,3-oxazol-4-yl]carbonyl}amino)hexyl]amino}-9-oxononanoic acid'
7 water water
#
_entity_poly.entity_id   1
_entity_poly.type   'polypeptide(L)'
_entity_poly.pdbx_seq_one_letter_code
;QDSTSDLIPAPPLSKVPLQQNFQDNQFQGKWYVVGLAGNAILREDKDPQKMYATIYELKEDKSYNVTSVLFRKKKCDYWI
RTFVPGSQPGEFTLGNIKSYPGLTSYLVRVVSTNYNQHAMVFFKKVSQNREYFKITLYGRTKELTSELKENFIRFSKSLG
LPENHIVFPVPIDQCIDG
;
_entity_poly.pdbx_strand_id   A,B,C
#
# COMPACT_ATOMS: atom_id res chain seq x y z
N SER A 3 -40.05 -2.18 -3.40
CA SER A 3 -40.16 -1.85 -1.95
C SER A 3 -39.26 -2.76 -1.11
N THR A 4 -39.32 -4.06 -1.38
CA THR A 4 -38.57 -5.05 -0.62
C THR A 4 -37.06 -4.87 -0.75
N SER A 5 -36.59 -4.46 -1.93
CA SER A 5 -35.16 -4.33 -2.19
C SER A 5 -34.86 -3.42 -3.39
N ASP A 6 -33.96 -2.46 -3.19
CA ASP A 6 -33.48 -1.57 -4.25
C ASP A 6 -31.97 -1.72 -4.37
N LEU A 7 -31.51 -2.24 -5.51
CA LEU A 7 -30.09 -2.51 -5.73
C LEU A 7 -29.52 -1.71 -6.90
N ILE A 8 -28.25 -1.33 -6.77
CA ILE A 8 -27.50 -0.74 -7.88
C ILE A 8 -27.28 -1.87 -8.90
N PRO A 9 -27.60 -1.63 -10.19
CA PRO A 9 -27.53 -2.71 -11.18
C PRO A 9 -26.12 -3.28 -11.33
N ALA A 10 -26.06 -4.58 -11.63
CA ALA A 10 -24.80 -5.24 -11.94
C ALA A 10 -24.23 -4.62 -13.22
N PRO A 11 -22.91 -4.39 -13.26
CA PRO A 11 -22.33 -3.83 -14.47
C PRO A 11 -22.30 -4.86 -15.59
N PRO A 12 -22.27 -4.39 -16.85
CA PRO A 12 -22.05 -5.33 -17.94
C PRO A 12 -20.64 -5.91 -17.86
N LEU A 13 -20.51 -7.21 -18.09
CA LEU A 13 -19.23 -7.91 -18.07
C LEU A 13 -18.11 -7.23 -18.87
N SER A 14 -18.48 -6.46 -19.90
CA SER A 14 -17.50 -5.71 -20.70
C SER A 14 -16.72 -4.67 -19.88
N LYS A 15 -17.32 -4.20 -18.79
CA LYS A 15 -16.66 -3.25 -17.89
C LYS A 15 -15.77 -3.93 -16.83
N VAL A 16 -15.82 -5.26 -16.78
CA VAL A 16 -15.03 -6.03 -15.81
C VAL A 16 -13.89 -6.74 -16.53
N PRO A 17 -12.65 -6.24 -16.38
CA PRO A 17 -11.54 -6.88 -17.07
C PRO A 17 -11.23 -8.28 -16.55
N LEU A 18 -10.51 -9.06 -17.35
CA LEU A 18 -10.06 -10.38 -16.96
C LEU A 18 -8.54 -10.35 -16.86
N GLN A 19 -7.99 -10.90 -15.79
CA GLN A 19 -6.55 -11.04 -15.65
C GLN A 19 -6.02 -11.92 -16.78
N GLN A 20 -5.16 -11.37 -17.61
CA GLN A 20 -4.62 -12.09 -18.76
C GLN A 20 -3.62 -13.13 -18.31
N ASN A 21 -3.59 -14.27 -19.01
CA ASN A 21 -2.66 -15.35 -18.72
C ASN A 21 -2.78 -15.85 -17.28
N PHE A 22 -4.00 -16.13 -16.86
CA PHE A 22 -4.27 -16.48 -15.46
C PHE A 22 -3.63 -17.80 -15.06
N GLN A 23 -2.84 -17.78 -13.99
CA GLN A 23 -2.15 -18.96 -13.48
C GLN A 23 -2.86 -19.45 -12.22
N ASP A 24 -3.66 -20.50 -12.38
CA ASP A 24 -4.48 -21.01 -11.28
C ASP A 24 -3.67 -21.51 -10.09
N ASN A 25 -2.52 -22.12 -10.35
CA ASN A 25 -1.66 -22.62 -9.27
C ASN A 25 -1.07 -21.49 -8.41
N GLN A 26 -0.72 -20.37 -9.04
CA GLN A 26 -0.14 -19.23 -8.33
C GLN A 26 -1.16 -18.45 -7.50
N PHE A 27 -2.44 -18.58 -7.83
CA PHE A 27 -3.50 -17.87 -7.11
C PHE A 27 -3.91 -18.60 -5.82
N GLN A 28 -3.43 -19.83 -5.65
CA GLN A 28 -3.71 -20.62 -4.45
C GLN A 28 -3.22 -19.97 -3.17
N GLY A 29 -3.70 -20.49 -2.04
CA GLY A 29 -3.26 -20.03 -0.72
C GLY A 29 -4.21 -19.03 -0.10
N LYS A 30 -3.77 -18.43 1.01
CA LYS A 30 -4.60 -17.51 1.78
C LYS A 30 -4.53 -16.10 1.22
N TRP A 31 -5.70 -15.47 1.07
CA TRP A 31 -5.83 -14.06 0.73
C TRP A 31 -6.64 -13.38 1.82
N TYR A 32 -6.17 -12.21 2.27
CA TYR A 32 -6.95 -11.38 3.18
C TYR A 32 -7.86 -10.46 2.38
N VAL A 33 -9.09 -10.31 2.83
CA VAL A 33 -10.02 -9.38 2.21
C VAL A 33 -9.76 -7.99 2.79
N VAL A 34 -8.95 -7.20 2.08
CA VAL A 34 -8.54 -5.88 2.56
C VAL A 34 -9.50 -4.79 2.07
N GLY A 35 -10.20 -5.07 0.97
CA GLY A 35 -11.22 -4.17 0.45
C GLY A 35 -12.44 -4.95 0.01
N LEU A 36 -13.62 -4.37 0.23
CA LEU A 36 -14.88 -5.03 -0.10
C LEU A 36 -15.84 -3.97 -0.65
N ALA A 37 -16.40 -4.24 -1.82
CA ALA A 37 -17.35 -3.31 -2.45
C ALA A 37 -18.44 -4.10 -3.17
N GLY A 38 -19.63 -3.53 -3.23
CA GLY A 38 -20.76 -4.19 -3.91
C GLY A 38 -22.10 -3.53 -3.66
N ASN A 39 -23.11 -3.93 -4.41
CA ASN A 39 -24.46 -3.36 -4.28
C ASN A 39 -25.20 -3.81 -3.02
N ALA A 40 -24.72 -4.88 -2.38
CA ALA A 40 -25.23 -5.32 -1.09
C ALA A 40 -24.31 -4.91 0.08
N ILE A 41 -23.15 -4.35 -0.24
CA ILE A 41 -22.18 -3.91 0.77
C ILE A 41 -22.47 -2.48 1.18
N LEU A 42 -22.63 -2.24 2.48
CA LEU A 42 -22.84 -0.89 3.00
C LEU A 42 -21.89 -0.61 4.17
N ARG A 43 -21.33 0.60 4.20
CA ARG A 43 -20.45 1.02 5.29
C ARG A 43 -21.24 1.14 6.58
N GLU A 44 -20.70 0.58 7.65
CA GLU A 44 -21.34 0.61 8.97
C GLU A 44 -20.35 1.13 10.00
N ASP A 45 -20.41 2.43 10.29
CA ASP A 45 -19.46 3.07 11.21
C ASP A 45 -19.63 2.59 12.65
N LYS A 46 -20.86 2.24 13.03
CA LYS A 46 -21.16 1.77 14.39
C LYS A 46 -20.58 0.38 14.67
N ASP A 47 -20.53 -0.47 13.64
CA ASP A 47 -20.00 -1.84 13.77
C ASP A 47 -19.21 -2.20 12.50
N PRO A 48 -18.01 -1.62 12.35
CA PRO A 48 -17.20 -1.80 11.13
C PRO A 48 -16.92 -3.26 10.78
N GLN A 49 -16.98 -3.58 9.49
CA GLN A 49 -16.68 -4.92 8.99
C GLN A 49 -15.28 -5.35 9.43
N LYS A 50 -15.18 -6.55 10.00
CA LYS A 50 -13.89 -7.11 10.39
C LYS A 50 -13.28 -7.87 9.22
N MET A 51 -11.96 -7.78 9.08
CA MET A 51 -11.24 -8.49 8.03
C MET A 51 -11.50 -9.99 8.16
N TYR A 52 -11.75 -10.65 7.03
CA TYR A 52 -11.84 -12.09 6.98
C TYR A 52 -10.86 -12.59 5.92
N ALA A 53 -10.62 -13.90 5.91
CA ALA A 53 -9.65 -14.50 5.01
C ALA A 53 -10.33 -15.52 4.11
N THR A 54 -9.78 -15.70 2.92
CA THR A 54 -10.29 -16.68 1.98
C THR A 54 -9.11 -17.49 1.42
N ILE A 55 -9.18 -18.81 1.58
CA ILE A 55 -8.12 -19.71 1.14
C ILE A 55 -8.55 -20.45 -0.13
N TYR A 56 -7.70 -20.38 -1.17
CA TYR A 56 -7.94 -21.07 -2.43
C TYR A 56 -7.03 -22.29 -2.55
N GLU A 57 -7.62 -23.47 -2.71
CA GLU A 57 -6.87 -24.71 -2.91
C GLU A 57 -7.35 -25.43 -4.16
N LEU A 58 -6.44 -25.66 -5.10
CA LEU A 58 -6.77 -26.43 -6.31
C LEU A 58 -6.93 -27.91 -5.98
N LYS A 59 -8.05 -28.48 -6.41
CA LYS A 59 -8.27 -29.92 -6.31
C LYS A 59 -7.61 -30.61 -7.50
N GLU A 60 -7.70 -31.93 -7.57
CA GLU A 60 -7.12 -32.69 -8.67
C GLU A 60 -7.71 -32.28 -10.03
N ASP A 61 -9.03 -32.04 -10.06
CA ASP A 61 -9.71 -31.65 -11.30
C ASP A 61 -9.59 -30.16 -11.63
N LYS A 62 -8.73 -29.44 -10.91
CA LYS A 62 -8.42 -28.02 -11.14
C LYS A 62 -9.56 -27.06 -10.78
N SER A 63 -10.58 -27.55 -10.07
CA SER A 63 -11.55 -26.67 -9.42
C SER A 63 -10.96 -26.23 -8.08
N TYR A 64 -11.42 -25.10 -7.58
CA TYR A 64 -10.94 -24.58 -6.30
C TYR A 64 -11.84 -24.97 -5.15
N ASN A 65 -11.24 -25.49 -4.08
CA ASN A 65 -11.89 -25.55 -2.78
CA ASN A 65 -11.88 -25.56 -2.78
C ASN A 65 -11.71 -24.20 -2.11
N VAL A 66 -12.81 -23.44 -1.99
CA VAL A 66 -12.73 -22.09 -1.45
C VAL A 66 -13.30 -22.03 -0.04
N THR A 67 -12.41 -21.82 0.93
CA THR A 67 -12.79 -21.78 2.33
C THR A 67 -12.57 -20.38 2.89
N SER A 68 -13.63 -19.77 3.41
CA SER A 68 -13.53 -18.46 4.03
C SER A 68 -13.67 -18.60 5.54
N VAL A 69 -12.86 -17.84 6.27
CA VAL A 69 -12.90 -17.86 7.73
C VAL A 69 -13.09 -16.44 8.25
N LEU A 70 -14.07 -16.26 9.13
CA LEU A 70 -14.33 -14.97 9.76
C LEU A 70 -14.60 -15.10 11.26
N PHE A 71 -14.30 -14.03 11.98
CA PHE A 71 -14.48 -13.96 13.43
C PHE A 71 -15.80 -13.26 13.75
N ARG A 72 -16.76 -14.00 14.29
CA ARG A 72 -18.00 -13.41 14.80
C ARG A 72 -18.55 -14.22 15.97
N LYS A 73 -19.19 -13.52 16.91
CA LYS A 73 -19.74 -14.13 18.12
C LYS A 73 -18.68 -14.94 18.87
N LYS A 74 -17.47 -14.37 18.96
CA LYS A 74 -16.34 -14.95 19.70
C LYS A 74 -15.80 -16.27 19.13
N LYS A 75 -16.24 -16.64 17.93
CA LYS A 75 -15.83 -17.91 17.31
C LYS A 75 -15.46 -17.73 15.84
N CYS A 76 -14.73 -18.70 15.31
CA CYS A 76 -14.35 -18.71 13.91
C CYS A 76 -15.41 -19.46 13.11
N ASP A 77 -15.99 -18.80 12.12
CA ASP A 77 -17.01 -19.40 11.26
C ASP A 77 -16.41 -19.73 9.90
N TYR A 78 -16.52 -20.98 9.49
CA TYR A 78 -15.99 -21.44 8.22
C TYR A 78 -17.12 -21.71 7.23
N TRP A 79 -16.97 -21.24 6.00
CA TRP A 79 -17.88 -21.64 4.91
C TRP A 79 -17.10 -22.04 3.66
N ILE A 80 -17.53 -23.15 3.07
CA ILE A 80 -16.83 -23.77 1.95
C ILE A 80 -17.63 -23.63 0.67
N ARG A 81 -16.99 -23.12 -0.37
CA ARG A 81 -17.55 -23.06 -1.72
C ARG A 81 -16.63 -23.79 -2.69
N THR A 82 -17.17 -24.21 -3.81
CA THR A 82 -16.39 -24.80 -4.90
C THR A 82 -16.50 -23.91 -6.14
N PHE A 83 -15.37 -23.40 -6.60
CA PHE A 83 -15.34 -22.62 -7.85
C PHE A 83 -14.88 -23.53 -8.98
N VAL A 84 -15.75 -23.70 -9.97
CA VAL A 84 -15.48 -24.56 -11.13
C VAL A 84 -15.02 -23.70 -12.30
N PRO A 85 -13.92 -24.08 -12.98
CA PRO A 85 -13.40 -23.33 -14.12
C PRO A 85 -14.48 -22.93 -15.13
N GLY A 86 -14.52 -21.67 -15.49
CA GLY A 86 -15.56 -21.13 -16.36
C GLY A 86 -15.14 -21.10 -17.81
N SER A 87 -15.69 -20.14 -18.56
CA SER A 87 -15.49 -20.06 -20.01
C SER A 87 -14.05 -19.75 -20.43
N GLN A 88 -13.28 -19.15 -19.54
CA GLN A 88 -11.88 -18.81 -19.83
C GLN A 88 -11.06 -18.73 -18.55
N PRO A 89 -9.72 -18.85 -18.66
CA PRO A 89 -8.88 -18.83 -17.46
C PRO A 89 -9.07 -17.57 -16.63
N GLY A 90 -9.36 -17.75 -15.34
CA GLY A 90 -9.64 -16.63 -14.43
C GLY A 90 -11.12 -16.45 -14.14
N GLU A 91 -11.97 -17.16 -14.88
CA GLU A 91 -13.42 -17.15 -14.64
C GLU A 91 -13.88 -18.45 -14.02
N PHE A 92 -14.88 -18.37 -13.14
CA PHE A 92 -15.40 -19.55 -12.46
C PHE A 92 -16.91 -19.46 -12.19
N THR A 93 -17.51 -20.63 -12.04
CA THR A 93 -18.91 -20.75 -11.61
CA THR A 93 -18.91 -20.75 -11.62
C THR A 93 -18.96 -21.56 -10.33
N LEU A 94 -20.11 -21.53 -9.65
CA LEU A 94 -20.27 -22.21 -8.37
C LEU A 94 -20.71 -23.66 -8.56
N GLY A 95 -19.96 -24.59 -7.95
CA GLY A 95 -20.33 -25.99 -7.95
C GLY A 95 -21.43 -26.27 -6.94
N ASN A 96 -22.21 -27.32 -7.19
CA ASN A 96 -23.31 -27.71 -6.30
CA ASN A 96 -23.30 -27.71 -6.29
C ASN A 96 -24.25 -26.54 -6.00
N ILE A 97 -24.67 -25.85 -7.05
CA ILE A 97 -25.56 -24.70 -6.91
C ILE A 97 -26.92 -25.07 -6.29
N LYS A 98 -27.35 -26.31 -6.50
CA LYS A 98 -28.64 -26.80 -6.00
C LYS A 98 -28.74 -26.82 -4.47
N SER A 99 -27.60 -26.96 -3.79
CA SER A 99 -27.55 -26.96 -2.33
C SER A 99 -27.82 -25.57 -1.72
N TYR A 100 -27.72 -24.53 -2.54
CA TYR A 100 -27.99 -23.17 -2.09
C TYR A 100 -29.41 -22.75 -2.49
N PRO A 101 -30.32 -22.62 -1.51
CA PRO A 101 -31.71 -22.31 -1.85
C PRO A 101 -31.89 -20.89 -2.39
N GLY A 102 -32.58 -20.76 -3.53
CA GLY A 102 -32.84 -19.47 -4.14
C GLY A 102 -31.76 -18.97 -5.09
N LEU A 103 -30.65 -19.69 -5.18
CA LEU A 103 -29.50 -19.27 -5.99
C LEU A 103 -29.57 -19.90 -7.38
N THR A 104 -29.71 -19.06 -8.40
CA THR A 104 -29.87 -19.51 -9.79
C THR A 104 -28.65 -19.17 -10.67
N SER A 105 -27.73 -18.36 -10.17
CA SER A 105 -26.58 -17.91 -10.95
C SER A 105 -25.45 -17.43 -10.04
N TYR A 106 -24.21 -17.71 -10.45
CA TYR A 106 -23.03 -17.30 -9.68
C TYR A 106 -21.80 -17.28 -10.59
N LEU A 107 -21.16 -16.12 -10.69
CA LEU A 107 -20.02 -15.93 -11.58
C LEU A 107 -18.88 -15.25 -10.84
N VAL A 108 -17.67 -15.77 -11.05
CA VAL A 108 -16.45 -15.20 -10.48
C VAL A 108 -15.50 -14.85 -11.61
N ARG A 109 -14.93 -13.64 -11.56
CA ARG A 109 -13.93 -13.23 -12.54
C ARG A 109 -12.76 -12.52 -11.88
N VAL A 110 -11.57 -13.09 -12.01
CA VAL A 110 -10.35 -12.46 -11.49
C VAL A 110 -10.00 -11.28 -12.39
N VAL A 111 -10.12 -10.08 -11.85
CA VAL A 111 -9.91 -8.86 -12.63
C VAL A 111 -8.43 -8.58 -12.85
N SER A 112 -7.66 -8.68 -11.77
CA SER A 112 -6.23 -8.45 -11.83
C SER A 112 -5.54 -9.05 -10.61
N THR A 113 -4.29 -9.46 -10.79
CA THR A 113 -3.47 -9.95 -9.68
C THR A 113 -2.00 -10.04 -10.08
N ASN A 114 -1.12 -9.86 -9.10
CA ASN A 114 0.30 -10.21 -9.25
C ASN A 114 0.65 -11.46 -8.44
N TYR A 115 -0.38 -12.13 -7.91
CA TYR A 115 -0.27 -13.44 -7.26
C TYR A 115 0.40 -13.44 -5.87
N ASN A 116 1.42 -12.60 -5.67
CA ASN A 116 2.20 -12.64 -4.44
C ASN A 116 1.98 -11.46 -3.48
N GLN A 117 1.11 -10.53 -3.87
CA GLN A 117 0.79 -9.38 -3.01
C GLN A 117 -0.69 -9.01 -3.03
N HIS A 118 -1.28 -8.90 -4.21
CA HIS A 118 -2.64 -8.37 -4.33
C HIS A 118 -3.45 -9.00 -5.46
N ALA A 119 -4.77 -8.84 -5.35
CA ALA A 119 -5.70 -9.29 -6.38
C ALA A 119 -7.01 -8.53 -6.27
N MET A 120 -7.70 -8.40 -7.40
CA MET A 120 -9.07 -7.90 -7.43
C MET A 120 -9.94 -8.93 -8.13
N VAL A 121 -11.01 -9.33 -7.46
CA VAL A 121 -11.91 -10.36 -7.97
C VAL A 121 -13.35 -9.84 -8.01
N PHE A 122 -14.00 -10.04 -9.15
CA PHE A 122 -15.39 -9.63 -9.35
C PHE A 122 -16.30 -10.84 -9.16
N PHE A 123 -17.38 -10.65 -8.41
CA PHE A 123 -18.40 -11.70 -8.21
C PHE A 123 -19.75 -11.16 -8.66
N LYS A 124 -20.54 -12.03 -9.28
CA LYS A 124 -21.92 -11.70 -9.65
C LYS A 124 -22.81 -12.91 -9.40
N LYS A 125 -23.93 -12.71 -8.73
CA LYS A 125 -24.86 -13.80 -8.45
C LYS A 125 -26.31 -13.34 -8.50
N VAL A 126 -27.21 -14.28 -8.80
CA VAL A 126 -28.65 -14.04 -8.74
C VAL A 126 -29.24 -14.92 -7.64
N SER A 127 -29.71 -14.28 -6.57
CA SER A 127 -30.32 -14.97 -5.43
C SER A 127 -31.72 -14.42 -5.19
N GLN A 128 -32.72 -15.30 -5.10
CA GLN A 128 -34.13 -14.91 -5.01
C GLN A 128 -34.50 -13.91 -6.12
N ASN A 129 -34.01 -14.17 -7.32
CA ASN A 129 -34.24 -13.31 -8.49
C ASN A 129 -33.65 -11.89 -8.38
N ARG A 130 -32.81 -11.66 -7.37
CA ARG A 130 -32.15 -10.36 -7.21
C ARG A 130 -30.69 -10.50 -7.61
N GLU A 131 -30.21 -9.57 -8.44
CA GLU A 131 -28.85 -9.64 -8.97
C GLU A 131 -27.89 -8.84 -8.10
N TYR A 132 -26.98 -9.55 -7.43
CA TYR A 132 -25.96 -8.94 -6.57
C TYR A 132 -24.60 -9.02 -7.25
N PHE A 133 -23.76 -8.01 -7.00
CA PHE A 133 -22.36 -8.10 -7.38
C PHE A 133 -21.46 -7.52 -6.30
N LYS A 134 -20.24 -8.03 -6.23
CA LYS A 134 -19.23 -7.46 -5.35
C LYS A 134 -17.85 -7.54 -5.97
N ILE A 135 -16.96 -6.67 -5.50
CA ILE A 135 -15.55 -6.73 -5.84
C ILE A 135 -14.77 -6.84 -4.55
N THR A 136 -13.86 -7.81 -4.48
CA THR A 136 -13.00 -7.96 -3.31
C THR A 136 -11.59 -7.54 -3.68
N LEU A 137 -10.98 -6.75 -2.80
CA LEU A 137 -9.57 -6.42 -2.91
C LEU A 137 -8.86 -7.43 -2.03
N TYR A 138 -8.15 -8.37 -2.66
CA TYR A 138 -7.41 -9.38 -1.92
C TYR A 138 -6.01 -8.90 -1.63
N GLY A 139 -5.56 -9.09 -0.39
CA GLY A 139 -4.19 -8.80 0.00
C GLY A 139 -3.53 -10.06 0.52
N ARG A 140 -2.27 -10.26 0.13
CA ARG A 140 -1.49 -11.36 0.65
C ARG A 140 -1.13 -11.08 2.11
N THR A 141 -0.92 -9.80 2.40
CA THR A 141 -0.81 -9.30 3.76
C THR A 141 -2.10 -8.56 4.13
N LYS A 142 -2.22 -8.17 5.39
CA LYS A 142 -3.42 -7.48 5.88
C LYS A 142 -3.45 -6.00 5.46
N GLU A 143 -2.30 -5.47 5.05
CA GLU A 143 -2.20 -4.08 4.59
C GLU A 143 -1.75 -4.04 3.13
N LEU A 144 -2.32 -3.12 2.37
CA LEU A 144 -1.89 -2.83 1.01
C LEU A 144 -1.65 -1.33 0.87
N THR A 145 -0.91 -0.95 -0.17
CA THR A 145 -0.55 0.45 -0.39
C THR A 145 -1.78 1.30 -0.71
N SER A 146 -1.66 2.61 -0.50
CA SER A 146 -2.72 3.56 -0.84
C SER A 146 -3.01 3.55 -2.33
N GLU A 147 -1.97 3.34 -3.13
CA GLU A 147 -2.11 3.24 -4.59
C GLU A 147 -3.07 2.11 -4.97
N LEU A 148 -2.86 0.93 -4.39
CA LEU A 148 -3.68 -0.24 -4.69
C LEU A 148 -5.12 -0.08 -4.17
N LYS A 149 -5.26 0.54 -3.00
CA LYS A 149 -6.59 0.80 -2.43
C LYS A 149 -7.33 1.87 -3.22
N GLU A 150 -6.63 2.90 -3.66
CA GLU A 150 -7.22 3.95 -4.51
C GLU A 150 -7.65 3.40 -5.87
N ASN A 151 -6.86 2.48 -6.41
CA ASN A 151 -7.21 1.80 -7.67
C ASN A 151 -8.48 0.96 -7.52
N PHE A 152 -8.61 0.29 -6.37
CA PHE A 152 -9.80 -0.49 -6.06
C PHE A 152 -11.04 0.40 -5.99
N ILE A 153 -10.90 1.54 -5.31
CA ILE A 153 -11.98 2.52 -5.21
C ILE A 153 -12.37 3.02 -6.60
N ARG A 154 -11.36 3.36 -7.41
CA ARG A 154 -11.57 3.84 -8.77
C ARG A 154 -12.31 2.79 -9.62
N PHE A 155 -11.89 1.53 -9.49
CA PHE A 155 -12.52 0.44 -10.24
C PHE A 155 -13.95 0.18 -9.75
N SER A 156 -14.15 0.20 -8.43
CA SER A 156 -15.49 0.03 -7.85
C SER A 156 -16.45 1.11 -8.34
N LYS A 157 -15.98 2.36 -8.35
CA LYS A 157 -16.79 3.48 -8.83
C LYS A 157 -17.11 3.36 -10.32
N SER A 158 -16.17 2.82 -11.09
CA SER A 158 -16.38 2.63 -12.53
C SER A 158 -17.51 1.62 -12.80
N LEU A 159 -17.75 0.72 -11.86
CA LEU A 159 -18.86 -0.24 -11.95
C LEU A 159 -20.16 0.29 -11.33
N GLY A 160 -20.18 1.57 -10.98
CA GLY A 160 -21.40 2.26 -10.53
C GLY A 160 -21.59 2.33 -9.03
N LEU A 161 -20.60 1.90 -8.25
CA LEU A 161 -20.73 1.89 -6.80
C LEU A 161 -20.27 3.21 -6.18
N PRO A 162 -21.09 3.80 -5.29
CA PRO A 162 -20.66 4.98 -4.56
C PRO A 162 -19.72 4.63 -3.40
N GLU A 163 -19.15 5.65 -2.79
CA GLU A 163 -18.14 5.50 -1.74
C GLU A 163 -18.67 4.67 -0.56
N ASN A 164 -19.91 4.91 -0.17
CA ASN A 164 -20.52 4.21 0.98
C ASN A 164 -20.86 2.74 0.71
N HIS A 165 -20.67 2.28 -0.54
CA HIS A 165 -20.75 0.86 -0.86
C HIS A 165 -19.36 0.24 -1.02
N ILE A 166 -18.34 0.94 -0.52
CA ILE A 166 -16.96 0.47 -0.56
C ILE A 166 -16.39 0.50 0.85
N VAL A 167 -16.03 -0.67 1.39
CA VAL A 167 -15.48 -0.77 2.74
C VAL A 167 -14.11 -1.41 2.74
N PHE A 168 -13.30 -1.02 3.73
CA PHE A 168 -12.00 -1.62 3.94
C PHE A 168 -12.00 -2.27 5.32
N PRO A 169 -12.22 -3.60 5.37
CA PRO A 169 -12.31 -4.31 6.64
C PRO A 169 -11.10 -4.09 7.55
N VAL A 170 -11.37 -3.89 8.83
CA VAL A 170 -10.31 -3.64 9.81
C VAL A 170 -9.53 -4.93 10.10
N PRO A 171 -8.18 -4.88 10.01
CA PRO A 171 -7.36 -6.04 10.33
C PRO A 171 -7.63 -6.60 11.72
N ILE A 172 -7.67 -7.93 11.84
CA ILE A 172 -7.74 -8.62 13.13
C ILE A 172 -6.78 -9.80 13.15
N ASP A 173 -6.55 -10.34 14.34
CA ASP A 173 -5.67 -11.51 14.50
C ASP A 173 -6.44 -12.82 14.69
N GLN A 174 -7.67 -12.74 15.19
CA GLN A 174 -8.46 -13.95 15.44
C GLN A 174 -8.84 -14.65 14.14
N CYS A 175 -8.67 -15.96 14.11
CA CYS A 175 -9.13 -16.85 13.02
C CYS A 175 -8.31 -16.78 11.72
N ILE A 176 -7.92 -15.59 11.30
CA ILE A 176 -7.35 -15.38 9.97
C ILE A 176 -5.81 -15.48 9.92
N ASP A 177 -5.16 -15.64 11.08
CA ASP A 177 -3.70 -15.76 11.14
C ASP A 177 -3.19 -17.19 10.91
N GLY A 178 -4.08 -18.17 10.99
CA GLY A 178 -3.68 -19.57 10.88
C GLY A 178 -3.17 -19.96 9.50
N ASP B 6 -25.74 24.63 11.54
CA ASP B 6 -24.96 23.42 11.97
C ASP B 6 -23.78 23.22 11.04
N LEU B 7 -22.57 23.43 11.56
CA LEU B 7 -21.34 23.33 10.77
C LEU B 7 -20.42 22.24 11.29
N ILE B 8 -19.68 21.61 10.38
CA ILE B 8 -18.67 20.64 10.74
C ILE B 8 -17.52 21.37 11.45
N PRO B 9 -17.06 20.86 12.61
CA PRO B 9 -16.08 21.61 13.40
C PRO B 9 -14.77 21.84 12.65
N ALA B 10 -14.23 23.06 12.77
CA ALA B 10 -12.93 23.39 12.17
C ALA B 10 -11.84 22.63 12.90
N PRO B 11 -10.86 22.07 12.16
CA PRO B 11 -9.83 21.27 12.79
C PRO B 11 -8.87 22.11 13.61
N PRO B 12 -8.21 21.51 14.61
CA PRO B 12 -7.12 22.21 15.28
C PRO B 12 -5.97 22.47 14.31
N LEU B 13 -5.25 23.57 14.52
CA LEU B 13 -4.14 23.94 13.63
C LEU B 13 -2.99 22.94 13.66
N SER B 14 -2.97 22.05 14.66
CA SER B 14 -2.03 20.95 14.72
C SER B 14 -2.30 19.89 13.64
N LYS B 15 -3.55 19.81 13.18
CA LYS B 15 -3.93 18.90 12.10
C LYS B 15 -3.72 19.49 10.70
N VAL B 16 -3.25 20.75 10.65
CA VAL B 16 -2.95 21.42 9.39
C VAL B 16 -1.46 21.76 9.32
N PRO B 17 -0.67 20.95 8.57
CA PRO B 17 0.77 21.22 8.47
C PRO B 17 1.10 22.51 7.70
N LEU B 18 2.35 22.94 7.82
CA LEU B 18 2.86 24.12 7.11
C LEU B 18 4.03 23.70 6.22
N GLN B 19 4.05 24.23 5.01
CA GLN B 19 5.15 23.97 4.06
C GLN B 19 6.49 24.37 4.68
N GLN B 20 7.46 23.47 4.60
CA GLN B 20 8.80 23.72 5.14
C GLN B 20 9.52 24.74 4.28
N ASN B 21 10.12 25.75 4.91
CA ASN B 21 10.94 26.75 4.23
C ASN B 21 10.21 27.37 3.03
N PHE B 22 9.08 28.03 3.33
CA PHE B 22 8.21 28.60 2.31
C PHE B 22 8.90 29.73 1.55
N GLN B 23 9.02 29.57 0.24
CA GLN B 23 9.62 30.58 -0.65
C GLN B 23 8.52 31.42 -1.29
N ASP B 24 8.42 32.68 -0.87
CA ASP B 24 7.35 33.57 -1.32
C ASP B 24 7.46 33.99 -2.78
N ASN B 25 8.68 34.22 -3.26
CA ASN B 25 8.91 34.65 -4.64
C ASN B 25 8.58 33.57 -5.67
N GLN B 26 8.67 32.30 -5.26
CA GLN B 26 8.34 31.18 -6.14
C GLN B 26 6.84 30.86 -6.16
N PHE B 27 6.14 31.18 -5.06
CA PHE B 27 4.70 30.92 -4.95
C PHE B 27 3.85 31.93 -5.72
N GLN B 28 4.42 33.10 -6.03
CA GLN B 28 3.69 34.17 -6.72
C GLN B 28 3.18 33.76 -8.10
N GLY B 29 2.18 34.49 -8.59
CA GLY B 29 1.61 34.23 -9.90
C GLY B 29 0.18 33.70 -9.84
N LYS B 30 -0.32 33.25 -10.98
CA LYS B 30 -1.70 32.78 -11.10
C LYS B 30 -1.79 31.29 -10.76
N TRP B 31 -2.78 30.94 -9.93
CA TRP B 31 -3.07 29.55 -9.59
C TRP B 31 -4.52 29.23 -9.98
N TYR B 32 -4.71 28.11 -10.66
CA TYR B 32 -6.04 27.62 -10.99
C TYR B 32 -6.59 26.79 -9.83
N VAL B 33 -7.82 27.08 -9.44
CA VAL B 33 -8.49 26.34 -8.35
C VAL B 33 -8.93 24.97 -8.87
N VAL B 34 -8.01 24.00 -8.80
CA VAL B 34 -8.27 22.64 -9.31
C VAL B 34 -9.15 21.83 -8.36
N GLY B 35 -9.11 22.16 -7.07
CA GLY B 35 -9.94 21.48 -6.07
C GLY B 35 -10.42 22.43 -4.99
N LEU B 36 -11.61 22.17 -4.47
CA LEU B 36 -12.23 23.00 -3.45
C LEU B 36 -12.95 22.12 -2.42
N ALA B 37 -12.72 22.40 -1.14
CA ALA B 37 -13.35 21.63 -0.06
C ALA B 37 -13.47 22.46 1.21
N GLY B 38 -14.55 22.25 1.97
CA GLY B 38 -14.78 22.98 3.21
C GLY B 38 -16.16 22.75 3.79
N ASN B 39 -16.34 23.08 5.07
CA ASN B 39 -17.62 22.89 5.76
C ASN B 39 -18.76 23.74 5.19
N ALA B 40 -18.41 24.89 4.60
CA ALA B 40 -19.38 25.76 3.94
C ALA B 40 -19.69 25.27 2.53
N ILE B 41 -18.66 24.80 1.83
CA ILE B 41 -18.81 24.30 0.45
C ILE B 41 -19.56 22.97 0.41
N LEU B 42 -20.25 22.72 -0.70
CA LEU B 42 -21.03 21.50 -0.88
C LEU B 42 -21.13 21.12 -2.35
N ARG B 43 -21.04 19.82 -2.64
CA ARG B 43 -21.11 19.31 -4.02
C ARG B 43 -22.54 19.33 -4.54
N GLN B 49 -20.06 23.93 -10.44
CA GLN B 49 -19.02 24.84 -9.98
C GLN B 49 -17.96 25.06 -11.06
N LYS B 50 -17.98 26.25 -11.66
CA LYS B 50 -17.00 26.61 -12.68
C LYS B 50 -15.67 27.01 -12.05
N MET B 51 -14.58 26.71 -12.74
CA MET B 51 -13.24 26.99 -12.24
C MET B 51 -12.96 28.49 -12.24
N TYR B 52 -12.25 28.95 -11.21
CA TYR B 52 -11.82 30.33 -11.10
C TYR B 52 -10.33 30.40 -10.78
N ALA B 53 -9.71 31.55 -11.03
CA ALA B 53 -8.28 31.73 -10.83
C ALA B 53 -8.01 32.76 -9.74
N THR B 54 -6.86 32.63 -9.08
CA THR B 54 -6.42 33.56 -8.04
C THR B 54 -4.98 33.99 -8.30
N ILE B 55 -4.78 35.28 -8.51
CA ILE B 55 -3.46 35.82 -8.82
C ILE B 55 -2.77 36.34 -7.56
N TYR B 56 -1.58 35.81 -7.28
CA TYR B 56 -0.78 36.23 -6.13
C TYR B 56 0.37 37.13 -6.58
N GLU B 57 0.15 38.43 -6.48
CA GLU B 57 1.16 39.43 -6.87
C GLU B 57 2.05 39.78 -5.67
N LEU B 58 3.27 39.24 -5.66
CA LEU B 58 4.22 39.51 -4.59
C LEU B 58 4.77 40.94 -4.71
N LYS B 59 4.35 41.80 -3.79
CA LYS B 59 4.76 43.21 -3.81
C LYS B 59 6.16 43.39 -3.22
N GLU B 60 6.66 44.62 -3.29
CA GLU B 60 8.00 44.95 -2.79
C GLU B 60 8.14 44.82 -1.27
N ASP B 61 7.03 44.93 -0.56
CA ASP B 61 7.01 44.79 0.91
C ASP B 61 6.82 43.34 1.37
N LYS B 62 6.98 42.38 0.46
CA LYS B 62 6.85 40.95 0.76
C LYS B 62 5.41 40.52 1.07
N SER B 63 4.44 41.31 0.60
CA SER B 63 3.02 41.01 0.80
C SER B 63 2.38 40.61 -0.52
N TYR B 64 1.25 39.91 -0.43
CA TYR B 64 0.52 39.44 -1.61
C TYR B 64 -0.72 40.29 -1.89
N ASN B 65 -0.97 40.55 -3.17
CA ASN B 65 -2.18 41.22 -3.61
C ASN B 65 -3.10 40.21 -4.29
N VAL B 66 -3.96 39.58 -3.48
CA VAL B 66 -4.82 38.50 -3.95
C VAL B 66 -6.01 39.03 -4.75
N THR B 67 -6.07 38.66 -6.03
CA THR B 67 -7.20 39.02 -6.89
C THR B 67 -7.81 37.75 -7.49
N SER B 68 -9.10 37.54 -7.23
CA SER B 68 -9.80 36.32 -7.65
C SER B 68 -10.66 36.56 -8.88
N VAL B 69 -10.21 36.08 -10.03
CA VAL B 69 -10.94 36.21 -11.29
C VAL B 69 -11.90 35.04 -11.47
N LEU B 70 -13.21 35.33 -11.42
CA LEU B 70 -14.25 34.31 -11.55
C LEU B 70 -15.28 34.71 -12.60
N PHE B 71 -15.72 33.72 -13.38
CA PHE B 71 -16.73 33.94 -14.42
C PHE B 71 -18.12 33.67 -13.85
N ARG B 72 -18.99 34.68 -13.89
CA ARG B 72 -20.34 34.56 -13.35
C ARG B 72 -21.27 35.61 -13.95
N LYS B 73 -22.51 35.19 -14.26
CA LYS B 73 -23.52 36.07 -14.86
C LYS B 73 -23.06 36.67 -16.20
N LYS B 74 -22.36 35.86 -16.99
CA LYS B 74 -21.83 36.30 -18.29
C LYS B 74 -20.83 37.45 -18.18
N LYS B 75 -20.11 37.50 -17.06
CA LYS B 75 -19.13 38.56 -16.80
C LYS B 75 -17.96 38.05 -15.96
N CYS B 76 -16.81 38.72 -16.07
CA CYS B 76 -15.63 38.38 -15.28
C CYS B 76 -15.61 39.20 -13.99
N ASP B 77 -15.95 38.56 -12.87
CA ASP B 77 -15.96 39.22 -11.56
C ASP B 77 -14.57 39.20 -10.94
N TYR B 78 -14.21 40.28 -10.24
CA TYR B 78 -12.90 40.41 -9.62
C TYR B 78 -13.02 40.69 -8.12
N TRP B 79 -12.66 39.70 -7.31
CA TRP B 79 -12.66 39.82 -5.85
C TRP B 79 -11.25 40.19 -5.38
N ILE B 80 -11.09 41.39 -4.82
CA ILE B 80 -9.79 41.90 -4.41
C ILE B 80 -9.58 41.75 -2.89
N ARG B 81 -8.44 41.17 -2.53
CA ARG B 81 -8.03 41.03 -1.13
C ARG B 81 -6.52 41.19 -0.99
N THR B 82 -6.04 41.26 0.25
CA THR B 82 -4.60 41.39 0.52
C THR B 82 -4.18 40.41 1.61
N PHE B 83 -3.07 39.71 1.40
CA PHE B 83 -2.53 38.79 2.39
C PHE B 83 -1.18 39.30 2.91
N VAL B 84 -1.12 39.62 4.20
CA VAL B 84 0.10 40.06 4.86
C VAL B 84 0.76 38.86 5.55
N PRO B 85 2.10 38.72 5.43
CA PRO B 85 2.82 37.62 6.10
C PRO B 85 2.55 37.52 7.60
N GLY B 86 2.36 36.30 8.09
CA GLY B 86 2.06 36.05 9.49
C GLY B 86 3.30 35.80 10.34
N SER B 87 3.15 34.94 11.35
CA SER B 87 4.23 34.66 12.30
C SER B 87 5.43 33.99 11.63
N GLN B 88 5.14 32.93 10.87
CA GLN B 88 6.17 32.17 10.16
C GLN B 88 5.89 32.17 8.66
N PRO B 89 6.94 31.98 7.83
CA PRO B 89 6.74 31.99 6.38
C PRO B 89 5.80 30.88 5.92
N GLY B 90 4.82 31.24 5.09
CA GLY B 90 3.76 30.32 4.67
C GLY B 90 2.41 30.70 5.25
N GLU B 91 2.42 31.31 6.43
CA GLU B 91 1.20 31.80 7.07
C GLU B 91 0.91 33.23 6.60
N PHE B 92 -0.37 33.58 6.50
CA PHE B 92 -0.77 34.93 6.10
C PHE B 92 -1.97 35.45 6.87
N THR B 93 -1.98 36.77 7.08
CA THR B 93 -3.08 37.47 7.71
C THR B 93 -3.83 38.28 6.65
N LEU B 94 -5.13 38.48 6.84
CA LEU B 94 -5.93 39.26 5.91
C LEU B 94 -5.68 40.76 6.11
N GLY B 95 -5.24 41.43 5.04
CA GLY B 95 -5.00 42.88 5.08
C GLY B 95 -6.30 43.65 5.09
N ASN B 96 -6.37 44.67 5.94
CA ASN B 96 -7.59 45.46 6.12
C ASN B 96 -8.78 44.57 6.55
N ILE B 97 -8.56 43.79 7.60
CA ILE B 97 -9.55 42.83 8.09
C ILE B 97 -10.77 43.51 8.73
N LYS B 98 -10.55 44.67 9.34
CA LYS B 98 -11.62 45.40 10.04
C LYS B 98 -12.62 46.08 9.11
N SER B 99 -12.25 46.23 7.83
CA SER B 99 -13.16 46.79 6.82
C SER B 99 -14.29 45.82 6.46
N TYR B 100 -14.03 44.52 6.61
CA TYR B 100 -15.03 43.49 6.31
C TYR B 100 -16.01 43.35 7.48
N PRO B 101 -17.31 43.58 7.24
CA PRO B 101 -18.29 43.43 8.32
C PRO B 101 -18.48 41.97 8.75
N GLY B 102 -18.41 41.72 10.06
CA GLY B 102 -18.64 40.38 10.60
C GLY B 102 -17.40 39.52 10.74
N LEU B 103 -16.38 39.80 9.93
CA LEU B 103 -15.14 39.02 9.93
C LEU B 103 -14.31 39.33 11.18
N THR B 104 -14.36 38.42 12.15
CA THR B 104 -13.63 38.57 13.41
C THR B 104 -12.19 38.05 13.28
N SER B 105 -12.04 36.86 12.73
CA SER B 105 -10.72 36.24 12.54
C SER B 105 -10.55 35.71 11.12
N TYR B 106 -9.30 35.65 10.67
CA TYR B 106 -8.98 35.13 9.35
C TYR B 106 -7.51 34.70 9.29
N LEU B 107 -7.28 33.46 8.87
CA LEU B 107 -5.93 32.91 8.78
C LEU B 107 -5.75 32.12 7.48
N VAL B 108 -4.56 32.21 6.90
CA VAL B 108 -4.21 31.45 5.71
C VAL B 108 -2.94 30.64 6.01
N ARG B 109 -2.95 29.38 5.61
CA ARG B 109 -1.84 28.46 5.85
C ARG B 109 -1.54 27.67 4.59
N VAL B 110 -0.36 27.88 4.01
CA VAL B 110 0.10 27.07 2.88
C VAL B 110 0.51 25.70 3.41
N VAL B 111 -0.26 24.66 3.07
CA VAL B 111 -0.04 23.32 3.61
C VAL B 111 1.17 22.66 2.94
N SER B 112 1.12 22.58 1.62
CA SER B 112 2.21 21.99 0.83
C SER B 112 2.23 22.60 -0.57
N THR B 113 3.42 22.67 -1.17
CA THR B 113 3.57 23.14 -2.54
C THR B 113 4.95 22.81 -3.09
N ASN B 114 5.01 22.56 -4.40
CA ASN B 114 6.28 22.50 -5.12
C ASN B 114 6.42 23.68 -6.10
N TYR B 115 5.56 24.70 -5.92
CA TYR B 115 5.65 25.98 -6.62
C TYR B 115 5.38 25.93 -8.13
N ASN B 116 6.10 25.07 -8.85
CA ASN B 116 6.00 24.98 -10.31
C ASN B 116 4.79 24.19 -10.80
N GLN B 117 4.28 23.26 -9.99
CA GLN B 117 3.21 22.35 -10.41
C GLN B 117 1.94 22.52 -9.58
N HIS B 118 2.02 22.16 -8.30
CA HIS B 118 0.83 22.11 -7.44
C HIS B 118 1.02 22.83 -6.10
N ALA B 119 -0.09 23.14 -5.45
CA ALA B 119 -0.09 23.77 -4.13
C ALA B 119 -1.39 23.45 -3.39
N MET B 120 -1.31 23.40 -2.07
CA MET B 120 -2.47 23.15 -1.22
C MET B 120 -2.48 24.15 -0.07
N VAL B 121 -3.53 24.96 0.01
CA VAL B 121 -3.61 26.06 0.99
C VAL B 121 -4.85 25.95 1.86
N PHE B 122 -4.66 26.12 3.17
CA PHE B 122 -5.74 26.07 4.15
C PHE B 122 -6.19 27.49 4.48
N PHE B 123 -7.51 27.69 4.53
CA PHE B 123 -8.10 28.96 4.92
C PHE B 123 -9.08 28.74 6.07
N LYS B 124 -8.96 29.56 7.11
CA LYS B 124 -9.88 29.52 8.25
C LYS B 124 -10.31 30.94 8.62
N LYS B 125 -11.59 31.11 8.94
CA LYS B 125 -12.12 32.42 9.32
C LYS B 125 -13.27 32.31 10.32
N VAL B 126 -13.44 33.35 11.12
CA VAL B 126 -14.57 33.46 12.03
C VAL B 126 -15.46 34.62 11.56
N SER B 127 -16.58 34.27 10.93
CA SER B 127 -17.53 35.26 10.40
C SER B 127 -18.87 35.15 11.11
N GLN B 128 -19.27 36.23 11.79
CA GLN B 128 -20.49 36.26 12.59
C GLN B 128 -20.56 35.09 13.58
N ASN B 129 -19.51 34.96 14.38
CA ASN B 129 -19.40 33.93 15.43
C ASN B 129 -19.30 32.48 14.95
N ARG B 130 -19.55 32.23 13.67
CA ARG B 130 -19.40 30.91 13.08
C ARG B 130 -17.98 30.71 12.58
N GLU B 131 -17.41 29.54 12.86
CA GLU B 131 -16.06 29.22 12.39
C GLU B 131 -16.12 28.44 11.08
N TYR B 132 -15.67 29.06 10.00
CA TYR B 132 -15.61 28.44 8.68
C TYR B 132 -14.18 28.04 8.34
N PHE B 133 -14.03 27.04 7.47
CA PHE B 133 -12.72 26.66 6.94
C PHE B 133 -12.86 26.06 5.54
N LYS B 134 -11.80 26.16 4.75
CA LYS B 134 -11.76 25.53 3.43
C LYS B 134 -10.35 25.22 2.96
N ILE B 135 -10.24 24.15 2.16
CA ILE B 135 -8.99 23.74 1.53
C ILE B 135 -9.08 24.03 0.04
N THR B 136 -8.05 24.66 -0.51
CA THR B 136 -7.97 24.88 -1.95
C THR B 136 -6.78 24.12 -2.53
N LEU B 137 -7.04 23.25 -3.50
CA LEU B 137 -5.97 22.57 -4.23
C LEU B 137 -5.61 23.43 -5.44
N TYR B 138 -4.56 24.22 -5.30
CA TYR B 138 -4.09 25.08 -6.39
C TYR B 138 -3.30 24.26 -7.41
N GLY B 139 -3.45 24.61 -8.68
CA GLY B 139 -2.69 24.00 -9.76
C GLY B 139 -2.20 25.07 -10.72
N ARG B 140 -0.98 24.92 -11.22
CA ARG B 140 -0.38 25.90 -12.11
C ARG B 140 -1.03 25.82 -13.50
N THR B 141 -1.54 24.64 -13.85
CA THR B 141 -2.40 24.45 -15.00
C THR B 141 -3.81 24.10 -14.54
N LYS B 142 -4.74 23.97 -15.48
CA LYS B 142 -6.14 23.67 -15.16
C LYS B 142 -6.38 22.23 -14.70
N GLU B 143 -5.38 21.37 -14.85
CA GLU B 143 -5.48 19.96 -14.43
C GLU B 143 -4.10 19.32 -14.35
N LEU B 144 -3.91 18.26 -13.55
CA LEU B 144 -4.94 17.67 -12.69
C LEU B 144 -4.31 16.61 -11.78
N THR B 145 -3.97 15.47 -12.37
CA THR B 145 -3.33 14.34 -11.67
C THR B 145 -4.27 13.61 -10.70
N SER B 146 -4.00 12.33 -10.48
CA SER B 146 -4.80 11.49 -9.59
C SER B 146 -4.15 11.37 -8.22
N LYS B 149 -4.95 15.02 -6.62
CA LYS B 149 -6.38 14.86 -6.38
C LYS B 149 -6.64 13.89 -5.23
N GLU B 150 -5.99 12.74 -5.26
CA GLU B 150 -6.16 11.70 -4.23
C GLU B 150 -5.65 12.17 -2.87
N ASN B 151 -4.49 12.82 -2.87
CA ASN B 151 -3.92 13.40 -1.65
C ASN B 151 -4.77 14.54 -1.10
N PHE B 152 -5.36 15.31 -2.00
CA PHE B 152 -6.27 16.41 -1.63
C PHE B 152 -7.55 15.87 -0.97
N ILE B 153 -8.09 14.79 -1.52
CA ILE B 153 -9.26 14.12 -0.93
C ILE B 153 -8.90 13.53 0.43
N ARG B 154 -7.75 12.85 0.51
CA ARG B 154 -7.29 12.24 1.76
C ARG B 154 -7.05 13.27 2.86
N PHE B 155 -6.46 14.41 2.49
CA PHE B 155 -6.20 15.50 3.44
C PHE B 155 -7.49 16.15 3.91
N SER B 156 -8.46 16.28 3.01
CA SER B 156 -9.78 16.81 3.37
C SER B 156 -10.48 15.89 4.37
N LYS B 157 -10.36 14.58 4.15
CA LYS B 157 -10.94 13.58 5.05
C LYS B 157 -10.29 13.61 6.43
N SER B 158 -8.99 13.88 6.47
CA SER B 158 -8.24 13.92 7.74
C SER B 158 -8.65 15.10 8.63
N LEU B 159 -9.18 16.15 8.02
CA LEU B 159 -9.71 17.31 8.75
C LEU B 159 -11.20 17.17 9.06
N GLY B 160 -11.74 15.95 8.93
CA GLY B 160 -13.13 15.67 9.26
C GLY B 160 -14.12 16.24 8.26
N LEU B 161 -13.79 16.12 6.97
CA LEU B 161 -14.65 16.64 5.90
C LEU B 161 -15.01 15.50 4.93
N PRO B 162 -16.31 15.22 4.77
CA PRO B 162 -16.73 14.13 3.89
C PRO B 162 -16.59 14.46 2.40
N GLU B 163 -16.80 13.45 1.55
CA GLU B 163 -16.84 13.63 0.10
C GLU B 163 -17.94 14.61 -0.32
N ASN B 164 -18.96 14.73 0.53
CA ASN B 164 -20.05 15.68 0.32
C ASN B 164 -19.57 17.11 0.13
N HIS B 165 -18.59 17.52 0.95
CA HIS B 165 -18.07 18.89 0.93
C HIS B 165 -16.71 18.99 0.24
N ILE B 166 -16.48 18.16 -0.79
CA ILE B 166 -15.26 18.21 -1.59
C ILE B 166 -15.62 18.31 -3.07
N VAL B 167 -15.35 19.47 -3.66
CA VAL B 167 -15.72 19.75 -5.05
C VAL B 167 -14.48 19.77 -5.95
N PHE B 168 -14.69 19.44 -7.23
CA PHE B 168 -13.63 19.51 -8.25
C PHE B 168 -14.10 20.44 -9.38
N PRO B 169 -13.77 21.74 -9.29
CA PRO B 169 -14.20 22.74 -10.26
C PRO B 169 -13.88 22.38 -11.72
N VAL B 170 -14.87 22.52 -12.61
CA VAL B 170 -14.72 22.21 -14.02
C VAL B 170 -13.95 23.32 -14.75
N PRO B 171 -12.89 22.96 -15.51
CA PRO B 171 -12.12 23.95 -16.26
C PRO B 171 -12.95 24.76 -17.27
N ILE B 172 -12.64 26.04 -17.40
CA ILE B 172 -13.31 26.95 -18.35
C ILE B 172 -12.28 27.88 -18.98
N ASP B 173 -12.53 28.29 -20.22
CA ASP B 173 -11.59 29.14 -20.96
C ASP B 173 -11.74 30.64 -20.68
N GLN B 174 -12.91 31.05 -20.24
CA GLN B 174 -13.23 32.47 -20.08
C GLN B 174 -12.65 33.09 -18.81
N CYS B 175 -12.32 34.37 -18.88
CA CYS B 175 -11.84 35.17 -17.74
C CYS B 175 -10.48 34.76 -17.17
N ILE B 176 -10.40 33.54 -16.63
CA ILE B 176 -9.19 33.07 -15.95
C ILE B 176 -7.93 33.06 -16.83
N ASP B 177 -8.10 32.82 -18.12
CA ASP B 177 -7.00 32.85 -19.08
C ASP B 177 -6.74 34.28 -19.55
N THR C 4 39.16 -16.58 17.79
CA THR C 4 37.75 -16.09 17.77
C THR C 4 37.26 -15.75 19.17
N SER C 5 36.83 -14.51 19.37
CA SER C 5 36.28 -14.08 20.67
C SER C 5 35.56 -12.73 20.63
N ASP C 6 34.62 -12.56 21.56
CA ASP C 6 33.82 -11.35 21.73
C ASP C 6 32.92 -11.00 20.55
N LEU C 7 31.62 -11.20 20.71
CA LEU C 7 30.64 -11.01 19.65
C LEU C 7 29.52 -10.07 20.09
N ILE C 8 29.00 -9.28 19.15
CA ILE C 8 27.79 -8.51 19.38
C ILE C 8 26.67 -9.51 19.61
N PRO C 9 25.85 -9.32 20.67
CA PRO C 9 24.86 -10.34 21.00
C PRO C 9 23.79 -10.47 19.93
N ALA C 10 23.28 -11.68 19.74
CA ALA C 10 22.11 -11.88 18.91
C ALA C 10 20.95 -11.11 19.53
N PRO C 11 20.13 -10.46 18.68
CA PRO C 11 18.99 -9.71 19.20
C PRO C 11 17.88 -10.67 19.65
N PRO C 12 16.97 -10.22 20.52
CA PRO C 12 15.82 -11.07 20.80
C PRO C 12 14.95 -11.16 19.53
N LEU C 13 14.34 -12.32 19.32
CA LEU C 13 13.54 -12.55 18.10
C LEU C 13 12.36 -11.59 17.96
N SER C 14 11.94 -10.97 19.07
CA SER C 14 10.89 -9.95 19.04
C SER C 14 11.28 -8.71 18.23
N LYS C 15 12.59 -8.50 18.04
CA LYS C 15 13.09 -7.42 17.17
C LYS C 15 13.29 -7.86 15.71
N VAL C 16 13.00 -9.12 15.42
CA VAL C 16 13.18 -9.67 14.09
C VAL C 16 11.81 -10.05 13.52
N PRO C 17 11.23 -9.18 12.67
CA PRO C 17 9.92 -9.50 12.11
C PRO C 17 9.92 -10.74 11.22
N LEU C 18 8.73 -11.32 11.05
CA LEU C 18 8.51 -12.44 10.18
C LEU C 18 7.58 -11.98 9.07
N GLN C 19 7.95 -12.23 7.83
CA GLN C 19 7.11 -11.92 6.68
C GLN C 19 5.72 -12.53 6.87
N GLN C 20 4.70 -11.69 6.79
CA GLN C 20 3.32 -12.14 6.94
C GLN C 20 2.88 -13.01 5.77
N ASN C 21 2.22 -14.11 6.06
CA ASN C 21 1.66 -15.00 5.04
C ASN C 21 2.73 -15.39 4.00
N PHE C 22 3.85 -15.91 4.49
CA PHE C 22 4.97 -16.27 3.63
C PHE C 22 4.55 -17.29 2.57
N GLN C 23 4.94 -17.02 1.33
CA GLN C 23 4.61 -17.89 0.20
C GLN C 23 5.85 -18.60 -0.29
N ASP C 24 5.98 -19.87 0.08
CA ASP C 24 7.20 -20.62 -0.23
C ASP C 24 7.42 -20.79 -1.74
N ASN C 25 6.33 -20.90 -2.50
CA ASN C 25 6.41 -21.02 -3.96
CA ASN C 25 6.41 -21.02 -3.96
C ASN C 25 7.00 -19.78 -4.60
N GLN C 26 6.59 -18.61 -4.13
CA GLN C 26 7.04 -17.33 -4.70
C GLN C 26 8.48 -16.95 -4.32
N PHE C 27 8.95 -17.44 -3.18
CA PHE C 27 10.31 -17.13 -2.70
C PHE C 27 11.42 -17.93 -3.41
N GLN C 28 11.02 -18.97 -4.15
N GLN C 28 11.06 -18.98 -4.14
CA GLN C 28 11.92 -19.83 -4.91
CA GLN C 28 12.05 -19.85 -4.75
C GLN C 28 12.80 -19.08 -5.90
C GLN C 28 12.74 -19.17 -5.94
N GLY C 29 13.85 -19.76 -6.37
CA GLY C 29 14.68 -19.22 -7.45
C GLY C 29 15.96 -18.63 -6.92
N LYS C 30 16.64 -17.85 -7.77
CA LYS C 30 17.94 -17.28 -7.44
C LYS C 30 17.79 -15.90 -6.79
N TRP C 31 18.55 -15.69 -5.72
CA TRP C 31 18.69 -14.38 -5.11
C TRP C 31 20.17 -14.02 -5.08
N TYR C 32 20.49 -12.78 -5.45
CA TYR C 32 21.82 -12.24 -5.29
C TYR C 32 21.94 -11.59 -3.92
N VAL C 33 23.08 -11.74 -3.27
CA VAL C 33 23.32 -11.10 -1.98
C VAL C 33 23.91 -9.71 -2.19
N VAL C 34 23.03 -8.71 -2.24
CA VAL C 34 23.43 -7.33 -2.49
C VAL C 34 23.83 -6.61 -1.19
N GLY C 35 23.41 -7.16 -0.06
CA GLY C 35 23.77 -6.63 1.25
C GLY C 35 23.96 -7.76 2.25
N LEU C 36 24.93 -7.60 3.14
CA LEU C 36 25.28 -8.61 4.12
C LEU C 36 25.66 -7.92 5.42
N ALA C 37 25.02 -8.32 6.53
CA ALA C 37 25.36 -7.79 7.86
C ALA C 37 25.32 -8.91 8.89
N GLY C 38 26.09 -8.75 9.96
CA GLY C 38 26.13 -9.76 11.03
C GLY C 38 27.26 -9.54 12.02
N ASN C 39 27.22 -10.28 13.13
CA ASN C 39 28.24 -10.14 14.17
C ASN C 39 29.57 -10.82 13.85
N ALA C 40 29.60 -11.63 12.80
CA ALA C 40 30.83 -12.23 12.28
C ALA C 40 31.23 -11.63 10.91
N ILE C 41 30.52 -10.58 10.49
CA ILE C 41 30.81 -9.90 9.23
C ILE C 41 31.55 -8.60 9.52
N LEU C 42 32.65 -8.36 8.81
CA LEU C 42 33.45 -7.13 8.95
C LEU C 42 33.80 -6.54 7.59
N ARG C 43 33.75 -5.21 7.49
CA ARG C 43 34.07 -4.51 6.24
C ARG C 43 35.56 -4.61 5.94
N GLU C 44 35.89 -4.85 4.67
CA GLU C 44 37.27 -5.00 4.22
C GLU C 44 37.55 -4.08 3.02
N ASP C 45 38.33 -3.03 3.25
CA ASP C 45 38.74 -2.13 2.17
C ASP C 45 39.73 -2.81 1.24
N LYS C 46 40.66 -3.58 1.81
CA LYS C 46 41.71 -4.25 1.04
C LYS C 46 41.16 -5.32 0.10
N ASP C 47 40.34 -6.21 0.64
CA ASP C 47 39.75 -7.31 -0.13
C ASP C 47 38.23 -7.35 0.09
N PRO C 48 37.48 -6.44 -0.58
CA PRO C 48 36.03 -6.34 -0.40
C PRO C 48 35.28 -7.64 -0.64
N GLN C 49 34.26 -7.90 0.18
CA GLN C 49 33.39 -9.06 0.01
C GLN C 49 32.84 -9.09 -1.40
N LYS C 50 32.96 -10.24 -2.06
CA LYS C 50 32.44 -10.40 -3.42
C LYS C 50 31.00 -10.89 -3.36
N MET C 51 30.19 -10.42 -4.31
CA MET C 51 28.80 -10.85 -4.40
C MET C 51 28.72 -12.35 -4.67
N TYR C 52 27.84 -13.01 -3.92
CA TYR C 52 27.51 -14.41 -4.16
C TYR C 52 25.99 -14.52 -4.32
N ALA C 53 25.53 -15.68 -4.77
CA ALA C 53 24.12 -15.91 -5.01
C ALA C 53 23.65 -17.15 -4.25
N THR C 54 22.36 -17.18 -3.94
CA THR C 54 21.75 -18.30 -3.24
C THR C 54 20.48 -18.71 -3.96
N ILE C 55 20.39 -19.99 -4.32
CA ILE C 55 19.27 -20.52 -5.07
C ILE C 55 18.38 -21.37 -4.15
N TYR C 56 17.09 -21.04 -4.12
CA TYR C 56 16.12 -21.78 -3.32
C TYR C 56 15.24 -22.61 -4.23
N GLU C 57 15.28 -23.93 -4.06
CA GLU C 57 14.44 -24.85 -4.83
C GLU C 57 13.50 -25.58 -3.90
N LEU C 58 12.21 -25.33 -4.06
CA LEU C 58 11.18 -25.89 -3.18
C LEU C 58 10.97 -27.36 -3.55
N LYS C 59 11.24 -28.25 -2.60
CA LYS C 59 11.09 -29.69 -2.84
C LYS C 59 9.64 -30.13 -2.63
N GLU C 60 9.35 -31.35 -3.08
CA GLU C 60 8.01 -31.94 -2.94
C GLU C 60 7.54 -31.98 -1.49
N ASP C 61 8.45 -32.31 -0.57
CA ASP C 61 8.14 -32.38 0.85
C ASP C 61 8.07 -31.01 1.54
N LYS C 62 8.14 -29.94 0.74
CA LYS C 62 7.99 -28.54 1.18
C LYS C 62 9.22 -27.93 1.88
N SER C 63 10.31 -28.69 1.98
CA SER C 63 11.58 -28.13 2.42
C SER C 63 12.28 -27.54 1.21
N TYR C 64 13.29 -26.71 1.46
CA TYR C 64 14.08 -26.10 0.39
C TYR C 64 15.43 -26.76 0.23
N ASN C 65 15.81 -27.03 -1.02
CA ASN C 65 17.20 -27.31 -1.37
CA ASN C 65 17.19 -27.31 -1.35
C ASN C 65 17.88 -25.97 -1.61
N VAL C 66 18.87 -25.64 -0.79
CA VAL C 66 19.49 -24.32 -0.85
C VAL C 66 20.94 -24.42 -1.32
N THR C 67 21.25 -23.72 -2.41
CA THR C 67 22.60 -23.74 -2.99
C THR C 67 23.14 -22.31 -3.08
N SER C 68 24.28 -22.09 -2.43
CA SER C 68 24.98 -20.81 -2.51
C SER C 68 26.23 -20.95 -3.37
N VAL C 69 26.50 -19.94 -4.19
CA VAL C 69 27.61 -19.97 -5.15
C VAL C 69 28.47 -18.72 -4.99
N LEU C 70 29.77 -18.92 -4.80
CA LEU C 70 30.72 -17.82 -4.55
C LEU C 70 31.99 -18.01 -5.39
N PHE C 71 32.49 -16.93 -5.98
CA PHE C 71 33.79 -16.92 -6.64
C PHE C 71 34.87 -16.66 -5.60
N ARG C 72 35.63 -17.70 -5.27
CA ARG C 72 36.65 -17.63 -4.22
C ARG C 72 37.90 -18.41 -4.66
N LYS C 73 39.06 -17.77 -4.57
CA LYS C 73 40.34 -18.37 -4.92
C LYS C 73 40.32 -18.94 -6.34
N LYS C 74 39.89 -18.11 -7.29
CA LYS C 74 39.83 -18.45 -8.72
C LYS C 74 38.90 -19.62 -9.05
N LYS C 75 38.02 -19.99 -8.11
CA LYS C 75 37.10 -21.12 -8.30
C LYS C 75 35.69 -20.77 -7.86
N CYS C 76 34.72 -21.47 -8.43
CA CYS C 76 33.33 -21.40 -8.01
C CYS C 76 33.11 -22.39 -6.88
N ASP C 77 32.81 -21.87 -5.69
CA ASP C 77 32.54 -22.70 -4.51
C ASP C 77 31.04 -22.84 -4.32
N TYR C 78 30.59 -24.05 -4.07
CA TYR C 78 29.17 -24.35 -3.89
C TYR C 78 28.92 -24.91 -2.50
N TRP C 79 27.86 -24.39 -1.86
CA TRP C 79 27.42 -24.89 -0.55
C TRP C 79 25.96 -25.26 -0.66
N ILE C 80 25.65 -26.54 -0.43
CA ILE C 80 24.30 -27.04 -0.55
C ILE C 80 23.76 -27.45 0.83
N ARG C 81 22.58 -26.94 1.18
CA ARG C 81 21.95 -27.24 2.46
C ARG C 81 20.44 -27.42 2.31
N THR C 82 19.83 -27.99 3.33
CA THR C 82 18.38 -28.22 3.36
C THR C 82 17.74 -27.36 4.46
N PHE C 83 16.79 -26.53 4.06
CA PHE C 83 16.00 -25.73 4.99
C PHE C 83 14.64 -26.38 5.18
N VAL C 84 14.38 -26.85 6.40
CA VAL C 84 13.13 -27.52 6.74
C VAL C 84 12.18 -26.48 7.33
N PRO C 85 10.89 -26.51 6.93
CA PRO C 85 9.95 -25.51 7.45
C PRO C 85 9.90 -25.53 8.98
N GLY C 86 10.01 -24.34 9.58
CA GLY C 86 10.07 -24.20 11.03
C GLY C 86 8.70 -24.06 11.66
N SER C 87 8.67 -23.47 12.85
CA SER C 87 7.44 -23.35 13.63
C SER C 87 6.38 -22.46 12.98
N GLN C 88 6.82 -21.45 12.22
CA GLN C 88 5.91 -20.54 11.52
CA GLN C 88 5.91 -20.55 11.51
C GLN C 88 6.31 -20.43 10.04
N PRO C 89 5.32 -20.23 9.14
CA PRO C 89 5.68 -20.03 7.74
C PRO C 89 6.68 -18.89 7.54
N GLY C 90 7.76 -19.17 6.83
CA GLY C 90 8.83 -18.20 6.61
C GLY C 90 10.04 -18.43 7.52
N GLU C 91 9.89 -19.34 8.48
CA GLU C 91 11.01 -19.78 9.29
C GLU C 91 11.49 -21.15 8.84
N PHE C 92 12.77 -21.42 9.03
CA PHE C 92 13.34 -22.70 8.66
C PHE C 92 14.40 -23.16 9.66
N THR C 93 14.44 -24.47 9.87
CA THR C 93 15.51 -25.13 10.59
C THR C 93 16.41 -25.82 9.58
N LEU C 94 17.60 -26.23 10.01
CA LEU C 94 18.55 -26.90 9.13
C LEU C 94 18.29 -28.40 9.14
N GLY C 95 18.16 -28.99 7.94
CA GLY C 95 18.05 -30.42 7.82
C GLY C 95 19.40 -31.08 8.09
N ASN C 96 19.36 -32.26 8.72
CA ASN C 96 20.57 -33.04 9.00
C ASN C 96 21.63 -32.23 9.76
N ILE C 97 21.21 -31.57 10.84
CA ILE C 97 22.11 -30.71 11.61
C ILE C 97 23.28 -31.49 12.23
N LYS C 98 23.07 -32.77 12.53
CA LYS C 98 24.10 -33.62 13.13
C LYS C 98 25.31 -33.81 12.22
N SER C 99 25.11 -33.71 10.90
CA SER C 99 26.20 -33.84 9.93
C SER C 99 27.13 -32.62 9.88
N TYR C 100 26.75 -31.53 10.54
CA TYR C 100 27.59 -30.33 10.63
C TYR C 100 28.24 -30.25 12.01
N PRO C 101 29.55 -30.48 12.08
CA PRO C 101 30.23 -30.62 13.38
C PRO C 101 30.28 -29.30 14.16
N GLY C 102 29.87 -29.36 15.43
CA GLY C 102 29.86 -28.18 16.30
C GLY C 102 28.63 -27.30 16.20
N LEU C 103 27.74 -27.60 15.26
CA LEU C 103 26.52 -26.80 15.04
C LEU C 103 25.37 -27.42 15.82
N THR C 104 24.91 -26.70 16.85
CA THR C 104 23.85 -27.18 17.73
C THR C 104 22.51 -26.47 17.54
N SER C 105 22.52 -25.35 16.82
CA SER C 105 21.29 -24.61 16.56
C SER C 105 21.40 -23.84 15.25
N TYR C 106 20.26 -23.66 14.60
CA TYR C 106 20.19 -22.99 13.31
C TYR C 106 18.77 -22.54 13.02
N LEU C 107 18.58 -21.24 12.81
CA LEU C 107 17.26 -20.70 12.52
C LEU C 107 17.36 -19.72 11.36
N VAL C 108 16.43 -19.86 10.41
CA VAL C 108 16.25 -18.88 9.35
C VAL C 108 14.88 -18.26 9.56
N ARG C 109 14.80 -16.93 9.41
CA ARG C 109 13.53 -16.23 9.43
C ARG C 109 13.51 -15.19 8.30
N VAL C 110 12.57 -15.35 7.37
CA VAL C 110 12.39 -14.36 6.32
C VAL C 110 11.69 -13.14 6.94
N VAL C 111 12.40 -12.03 6.99
CA VAL C 111 11.93 -10.83 7.65
C VAL C 111 10.91 -10.09 6.78
N SER C 112 11.26 -9.92 5.51
CA SER C 112 10.40 -9.23 4.56
C SER C 112 10.81 -9.60 3.15
N THR C 113 9.84 -9.58 2.23
CA THR C 113 10.11 -9.80 0.81
C THR C 113 8.90 -9.42 -0.02
N ASN C 114 9.14 -8.94 -1.24
CA ASN C 114 8.07 -8.79 -2.23
C ASN C 114 8.20 -9.85 -3.34
N TYR C 115 9.11 -10.80 -3.14
CA TYR C 115 9.25 -11.99 -3.98
C TYR C 115 9.88 -11.78 -5.37
N ASN C 116 9.52 -10.71 -6.07
CA ASN C 116 10.00 -10.47 -7.44
CA ASN C 116 10.02 -10.49 -7.44
C ASN C 116 11.16 -9.47 -7.53
N GLN C 117 11.54 -8.87 -6.42
CA GLN C 117 12.63 -7.88 -6.42
C GLN C 117 13.62 -8.06 -5.27
N HIS C 118 13.12 -8.05 -4.04
CA HIS C 118 13.98 -8.02 -2.86
C HIS C 118 13.47 -8.83 -1.69
N ALA C 119 14.41 -9.19 -0.81
CA ALA C 119 14.10 -9.90 0.41
C ALA C 119 15.13 -9.57 1.49
N MET C 120 14.70 -9.62 2.74
CA MET C 120 15.60 -9.55 3.88
C MET C 120 15.40 -10.81 4.70
N VAL C 121 16.48 -11.51 4.99
CA VAL C 121 16.42 -12.78 5.71
C VAL C 121 17.40 -12.80 6.88
N PHE C 122 16.89 -13.22 8.04
CA PHE C 122 17.66 -13.28 9.27
C PHE C 122 18.10 -14.72 9.52
N PHE C 123 19.37 -14.89 9.86
CA PHE C 123 19.94 -16.20 10.16
C PHE C 123 20.55 -16.16 11.56
N LYS C 124 20.31 -17.20 12.34
CA LYS C 124 20.92 -17.33 13.66
C LYS C 124 21.39 -18.75 13.86
N LYS C 125 22.61 -18.91 14.36
CA LYS C 125 23.15 -20.24 14.61
C LYS C 125 24.05 -20.25 15.84
N VAL C 126 24.15 -21.41 16.47
CA VAL C 126 25.08 -21.62 17.56
C VAL C 126 26.11 -22.64 17.09
N SER C 127 27.34 -22.18 16.88
CA SER C 127 28.45 -23.02 16.43
C SER C 127 29.59 -22.89 17.44
N GLN C 128 30.11 -24.02 17.91
CA GLN C 128 31.08 -24.05 18.99
C GLN C 128 30.55 -23.28 20.21
N ASN C 129 29.25 -23.42 20.49
CA ASN C 129 28.57 -22.69 21.57
C ASN C 129 28.66 -21.16 21.48
N ARG C 130 28.97 -20.64 20.29
CA ARG C 130 29.03 -19.20 20.06
C ARG C 130 27.85 -18.82 19.17
N GLU C 131 27.12 -17.78 19.57
CA GLU C 131 25.91 -17.40 18.85
C GLU C 131 26.18 -16.33 17.80
N TYR C 132 26.05 -16.71 16.54
CA TYR C 132 26.22 -15.79 15.42
C TYR C 132 24.87 -15.45 14.83
N PHE C 133 24.75 -14.24 14.30
CA PHE C 133 23.59 -13.88 13.50
C PHE C 133 24.01 -13.07 12.28
N LYS C 134 23.13 -13.08 11.28
CA LYS C 134 23.41 -12.44 10.01
C LYS C 134 22.11 -12.05 9.35
N ILE C 135 22.14 -10.94 8.61
CA ILE C 135 21.02 -10.53 7.79
C ILE C 135 21.50 -10.39 6.35
N THR C 136 20.78 -11.01 5.43
CA THR C 136 21.10 -10.87 4.01
C THR C 136 20.07 -9.97 3.35
N LEU C 137 20.56 -9.08 2.49
CA LEU C 137 19.71 -8.29 1.63
C LEU C 137 19.75 -8.99 0.28
N TYR C 138 18.64 -9.65 -0.07
CA TYR C 138 18.54 -10.39 -1.31
C TYR C 138 17.98 -9.51 -2.43
N GLY C 139 18.57 -9.60 -3.61
CA GLY C 139 18.06 -8.94 -4.80
C GLY C 139 17.84 -9.95 -5.91
N ARG C 140 16.78 -9.74 -6.69
CA ARG C 140 16.52 -10.57 -7.87
C ARG C 140 17.56 -10.25 -8.96
N THR C 141 18.01 -8.99 -8.97
CA THR C 141 19.15 -8.56 -9.79
C THR C 141 20.32 -8.18 -8.88
N LYS C 142 21.44 -7.82 -9.49
CA LYS C 142 22.66 -7.47 -8.74
C LYS C 142 22.62 -6.07 -8.12
N GLU C 143 21.66 -5.24 -8.51
CA GLU C 143 21.51 -3.89 -7.97
C GLU C 143 20.17 -3.69 -7.29
N LEU C 144 20.16 -2.94 -6.20
CA LEU C 144 18.93 -2.51 -5.52
C LEU C 144 18.95 -1.00 -5.30
N THR C 145 17.77 -0.42 -5.13
CA THR C 145 17.63 1.02 -4.91
C THR C 145 18.33 1.47 -3.62
N SER C 146 18.65 2.76 -3.56
CA SER C 146 19.25 3.36 -2.37
CA SER C 146 19.25 3.36 -2.38
C SER C 146 18.30 3.24 -1.18
N GLU C 147 17.00 3.28 -1.45
CA GLU C 147 15.98 3.15 -0.41
C GLU C 147 16.04 1.79 0.29
N LEU C 148 16.11 0.72 -0.51
CA LEU C 148 16.16 -0.63 0.04
C LEU C 148 17.45 -0.86 0.82
N LYS C 149 18.55 -0.36 0.27
CA LYS C 149 19.86 -0.46 0.93
C LYS C 149 19.84 0.30 2.26
N GLU C 150 19.30 1.51 2.24
CA GLU C 150 19.16 2.32 3.44
C GLU C 150 18.25 1.64 4.47
N ASN C 151 17.14 1.05 4.01
CA ASN C 151 16.26 0.29 4.89
C ASN C 151 16.99 -0.88 5.55
N PHE C 152 17.81 -1.57 4.76
CA PHE C 152 18.62 -2.69 5.25
C PHE C 152 19.63 -2.24 6.31
N ILE C 153 20.30 -1.10 6.07
CA ILE C 153 21.23 -0.54 7.05
C ILE C 153 20.51 -0.21 8.35
N ARG C 154 19.34 0.42 8.25
CA ARG C 154 18.56 0.78 9.42
C ARG C 154 18.10 -0.45 10.21
N PHE C 155 17.67 -1.50 9.51
CA PHE C 155 17.26 -2.74 10.18
C PHE C 155 18.44 -3.40 10.87
N SER C 156 19.57 -3.46 10.17
CA SER C 156 20.79 -4.02 10.73
C SER C 156 21.22 -3.30 12.02
N LYS C 157 21.18 -1.97 11.98
CA LYS C 157 21.49 -1.16 13.16
C LYS C 157 20.51 -1.39 14.30
N SER C 158 19.24 -1.63 13.99
CA SER C 158 18.22 -1.89 15.01
C SER C 158 18.49 -3.21 15.76
N LEU C 159 19.22 -4.11 15.12
CA LEU C 159 19.64 -5.37 15.76
C LEU C 159 21.01 -5.26 16.44
N GLY C 160 21.52 -4.03 16.56
CA GLY C 160 22.74 -3.76 17.33
C GLY C 160 24.05 -3.83 16.55
N LEU C 161 23.97 -3.82 15.23
CA LEU C 161 25.17 -3.90 14.38
C LEU C 161 25.63 -2.51 13.97
N PRO C 162 26.93 -2.19 14.18
CA PRO C 162 27.46 -0.92 13.68
C PRO C 162 27.80 -0.99 12.19
N GLU C 163 28.17 0.15 11.61
CA GLU C 163 28.39 0.29 10.17
C GLU C 163 29.44 -0.64 9.60
N ASN C 164 30.53 -0.86 10.34
CA ASN C 164 31.62 -1.73 9.88
C ASN C 164 31.25 -3.21 9.85
N HIS C 165 30.10 -3.56 10.44
CA HIS C 165 29.56 -4.92 10.34
C HIS C 165 28.49 -5.05 9.24
N ILE C 166 28.40 -4.03 8.38
CA ILE C 166 27.44 -4.01 7.28
C ILE C 166 28.18 -3.83 5.95
N VAL C 167 28.03 -4.81 5.06
CA VAL C 167 28.76 -4.82 3.79
C VAL C 167 27.82 -4.92 2.59
N PHE C 168 28.24 -4.33 1.47
CA PHE C 168 27.50 -4.41 0.22
C PHE C 168 28.41 -5.03 -0.83
N PRO C 169 28.33 -6.36 -1.00
CA PRO C 169 29.21 -7.07 -1.93
C PRO C 169 29.20 -6.49 -3.34
N VAL C 170 30.39 -6.34 -3.92
CA VAL C 170 30.54 -5.77 -5.25
C VAL C 170 30.03 -6.76 -6.31
N PRO C 171 29.19 -6.29 -7.24
CA PRO C 171 28.70 -7.17 -8.31
C PRO C 171 29.83 -7.81 -9.12
N ILE C 172 29.71 -9.11 -9.39
CA ILE C 172 30.63 -9.82 -10.27
C ILE C 172 29.86 -10.72 -11.23
N ASP C 173 30.53 -11.19 -12.27
CA ASP C 173 29.91 -12.06 -13.28
C ASP C 173 30.29 -13.53 -13.09
N GLN C 174 31.44 -13.79 -12.50
CA GLN C 174 31.93 -15.16 -12.35
CA GLN C 174 31.94 -15.16 -12.34
C GLN C 174 31.08 -15.97 -11.37
N CYS C 175 30.77 -17.21 -11.77
CA CYS C 175 30.03 -18.19 -10.93
C CYS C 175 28.55 -17.91 -10.66
N ILE C 176 28.24 -16.70 -10.23
CA ILE C 176 26.90 -16.38 -9.71
C ILE C 176 25.82 -16.20 -10.79
N ASP C 177 26.24 -16.00 -12.03
CA ASP C 177 25.28 -15.87 -13.14
C ASP C 177 25.00 -17.22 -13.78
N GLY C 178 23.91 -17.28 -14.54
CA GLY C 178 23.56 -18.48 -15.30
C GLY C 178 24.24 -18.45 -16.66
#